data_5SBN
#
_entry.id   5SBN
#
_cell.length_a   30.782
_cell.length_b   81.310
_cell.length_c   31.914
_cell.angle_alpha   90.000
_cell.angle_beta   117.780
_cell.angle_gamma   90.000
#
_symmetry.space_group_name_H-M   'P 1 21 1'
#
loop_
_entity.id
_entity.type
_entity.pdbx_description
1 polymer 'CD44 antigen'
2 non-polymer N-(2-hydroxyphenyl)acetamide
3 non-polymer 'DIMETHYL SULFOXIDE'
4 non-polymer 1,2-ETHANEDIOL
5 water water
#
_entity_poly.entity_id   1
_entity_poly.type   'polypeptide(L)'
_entity_poly.pdbx_seq_one_letter_code
;MNQIDLNVTCRYAGVFHVEKNGRYSISRTEAADLCQAFNSTLPTMDQMKLALSKGFETCRYGFIEGNVVIPRIHPNAICA
ANHTGVYILVTSNTSHYDTYCFNASAPPEEDCTSVTDLPNSFDGPVTITIVNRDGTRYSKKGEYRTHQEDID
;
_entity_poly.pdbx_strand_id   A
#
loop_
_chem_comp.id
_chem_comp.type
_chem_comp.name
_chem_comp.formula
9KS non-polymer N-(2-hydroxyphenyl)acetamide 'C8 H9 N O2'
DMS non-polymer 'DIMETHYL SULFOXIDE' 'C2 H6 O S'
EDO non-polymer 1,2-ETHANEDIOL 'C2 H6 O2'
#
# COMPACT_ATOMS: atom_id res chain seq x y z
N ASN A 2 21.77 -1.24 -0.16
CA ASN A 2 20.73 -0.69 -1.05
C ASN A 2 19.49 -1.52 -0.82
N GLN A 3 18.67 -1.12 0.13
CA GLN A 3 17.58 -1.93 0.60
C GLN A 3 16.33 -1.12 0.78
N ILE A 4 15.19 -1.73 0.45
CA ILE A 4 13.88 -1.13 0.70
C ILE A 4 13.03 -2.16 1.40
N ASP A 5 12.39 -1.78 2.50
CA ASP A 5 11.43 -2.65 3.22
C ASP A 5 10.04 -2.19 2.81
N LEU A 6 9.17 -3.14 2.49
CA LEU A 6 7.78 -2.83 2.14
C LEU A 6 6.90 -3.63 3.06
N ASN A 7 6.33 -2.96 4.06
CA ASN A 7 5.41 -3.63 4.97
C ASN A 7 4.05 -3.67 4.32
N VAL A 8 3.49 -4.86 4.19
CA VAL A 8 2.21 -5.06 3.52
C VAL A 8 1.18 -5.66 4.46
N THR A 9 -0.11 -5.50 4.10
CA THR A 9 -1.18 -6.03 4.92
C THR A 9 -1.91 -7.15 4.21
N CYS A 10 -2.93 -7.70 4.90
CA CYS A 10 -4.04 -8.45 4.31
C CYS A 10 -4.56 -7.69 3.09
N ARG A 11 -5.15 -8.43 2.15
CA ARG A 11 -5.87 -7.81 1.05
C ARG A 11 -7.35 -7.97 1.34
N TYR A 12 -8.10 -6.92 1.07
CA TYR A 12 -9.55 -6.93 1.28
C TYR A 12 -10.16 -6.57 -0.04
N ALA A 13 -10.84 -7.53 -0.68
CA ALA A 13 -11.36 -7.28 -2.04
C ALA A 13 -10.24 -6.74 -2.95
N GLY A 14 -9.04 -7.29 -2.77
CA GLY A 14 -7.86 -6.95 -3.55
C GLY A 14 -7.07 -5.75 -3.10
N VAL A 15 -7.60 -4.99 -2.14
CA VAL A 15 -6.90 -3.78 -1.69
C VAL A 15 -6.03 -4.07 -0.52
N PHE A 16 -4.83 -3.54 -0.55
CA PHE A 16 -3.90 -3.66 0.56
C PHE A 16 -3.10 -2.40 0.76
N HIS A 17 -2.47 -2.30 1.94
CA HIS A 17 -1.66 -1.17 2.32
C HIS A 17 -0.19 -1.53 2.28
N VAL A 18 0.63 -0.59 1.81
CA VAL A 18 2.05 -0.76 1.69
C VAL A 18 2.73 0.45 2.33
N GLU A 19 3.59 0.19 3.32
CA GLU A 19 4.35 1.24 3.97
C GLU A 19 5.80 0.99 3.63
N LYS A 20 6.51 2.01 3.14
CA LYS A 20 7.91 1.87 2.75
CA LYS A 20 7.91 1.84 2.78
C LYS A 20 8.84 2.35 3.86
N ASN A 21 9.78 1.48 4.23
CA ASN A 21 10.81 1.82 5.20
C ASN A 21 10.30 2.37 6.50
N GLY A 22 9.15 1.92 6.92
CA GLY A 22 8.59 2.28 8.22
C GLY A 22 8.32 3.74 8.46
N ARG A 23 8.14 4.52 7.38
CA ARG A 23 7.79 5.91 7.52
CA ARG A 23 7.89 5.96 7.46
C ARG A 23 7.06 6.35 6.28
N TYR A 24 6.33 7.48 6.37
CA TYR A 24 5.64 8.04 5.21
C TYR A 24 6.74 8.48 4.24
N SER A 25 6.87 7.79 3.13
CA SER A 25 8.02 8.06 2.25
C SER A 25 7.81 7.83 0.81
N ILE A 26 6.53 7.70 0.39
CA ILE A 26 6.25 7.39 -0.99
C ILE A 26 5.62 8.57 -1.65
N SER A 27 6.08 8.95 -2.81
CA SER A 27 5.44 10.02 -3.62
C SER A 27 4.31 9.39 -4.45
N ARG A 28 3.43 10.22 -5.04
CA ARG A 28 2.37 9.63 -5.87
C ARG A 28 2.94 8.86 -7.06
N THR A 29 4.00 9.36 -7.70
CA THR A 29 4.58 8.63 -8.84
C THR A 29 5.19 7.32 -8.37
N GLU A 30 5.87 7.30 -7.24
CA GLU A 30 6.46 6.08 -6.72
CA GLU A 30 6.46 6.08 -6.74
C GLU A 30 5.37 5.07 -6.36
N ALA A 31 4.26 5.56 -5.82
CA ALA A 31 3.17 4.70 -5.42
C ALA A 31 2.60 3.95 -6.61
N ALA A 32 2.40 4.63 -7.75
CA ALA A 32 1.89 3.92 -8.92
C ALA A 32 2.87 2.83 -9.38
N ASP A 33 4.16 3.16 -9.37
CA ASP A 33 5.17 2.20 -9.77
C ASP A 33 5.26 1.02 -8.80
N LEU A 34 5.11 1.30 -7.52
CA LEU A 34 5.16 0.28 -6.50
CA LEU A 34 5.17 0.27 -6.48
C LEU A 34 4.01 -0.68 -6.66
N CYS A 35 2.79 -0.14 -6.84
CA CYS A 35 1.67 -1.03 -7.05
C CYS A 35 1.83 -1.85 -8.32
N GLN A 36 2.42 -1.23 -9.37
CA GLN A 36 2.63 -1.97 -10.62
C GLN A 36 3.56 -3.16 -10.39
N ALA A 37 4.52 -3.05 -9.46
CA ALA A 37 5.39 -4.18 -9.13
C ALA A 37 4.65 -5.34 -8.45
N PHE A 38 3.51 -5.05 -7.84
CA PHE A 38 2.65 -6.09 -7.29
C PHE A 38 1.54 -6.46 -8.28
N ASN A 39 1.70 -6.15 -9.59
CA ASN A 39 0.66 -6.41 -10.61
C ASN A 39 -0.67 -5.75 -10.18
N SER A 40 -0.54 -4.56 -9.60
CA SER A 40 -1.63 -3.89 -8.97
C SER A 40 -1.68 -2.45 -9.44
N THR A 41 -2.74 -1.76 -9.06
CA THR A 41 -2.91 -0.38 -9.42
C THR A 41 -3.32 0.39 -8.16
N LEU A 42 -3.29 1.73 -8.19
CA LEU A 42 -3.81 2.48 -7.05
CA LEU A 42 -3.81 2.53 -7.09
C LEU A 42 -5.31 2.26 -7.04
N PRO A 43 -5.88 1.90 -5.90
CA PRO A 43 -7.35 1.62 -5.89
C PRO A 43 -8.15 2.84 -6.24
N THR A 44 -9.31 2.61 -6.88
CA THR A 44 -10.26 3.70 -7.06
C THR A 44 -10.94 3.89 -5.69
N MET A 45 -11.66 4.99 -5.54
CA MET A 45 -12.42 5.21 -4.32
C MET A 45 -13.50 4.11 -4.16
N ASP A 46 -14.13 3.67 -5.26
CA ASP A 46 -15.13 2.60 -5.14
C ASP A 46 -14.46 1.31 -4.71
N GLN A 47 -13.28 0.98 -5.26
CA GLN A 47 -12.58 -0.26 -4.83
C GLN A 47 -12.24 -0.17 -3.36
N MET A 48 -11.76 1.00 -2.91
CA MET A 48 -11.42 1.17 -1.50
C MET A 48 -12.66 1.06 -0.62
N LYS A 49 -13.78 1.66 -1.03
CA LYS A 49 -15.00 1.56 -0.21
C LYS A 49 -15.46 0.10 -0.10
N LEU A 50 -15.33 -0.70 -1.18
CA LEU A 50 -15.70 -2.10 -1.06
C LEU A 50 -14.75 -2.84 -0.14
N ALA A 51 -13.46 -2.52 -0.22
CA ALA A 51 -12.49 -3.16 0.69
C ALA A 51 -12.82 -2.83 2.15
N LEU A 52 -13.14 -1.54 2.45
CA LEU A 52 -13.57 -1.11 3.77
CA LEU A 52 -13.53 -1.16 3.78
C LEU A 52 -14.74 -1.98 4.25
N SER A 53 -15.73 -2.18 3.36
CA SER A 53 -16.93 -2.94 3.75
C SER A 53 -16.64 -4.39 4.08
N LYS A 54 -15.54 -4.93 3.56
CA LYS A 54 -15.10 -6.30 3.83
C LYS A 54 -14.24 -6.42 5.09
N GLY A 55 -13.87 -5.30 5.72
CA GLY A 55 -13.11 -5.38 6.97
C GLY A 55 -11.80 -4.63 6.97
N PHE A 56 -11.51 -3.88 5.92
CA PHE A 56 -10.24 -3.17 5.83
C PHE A 56 -10.20 -1.85 6.56
N GLU A 57 -9.24 -1.71 7.45
CA GLU A 57 -8.95 -0.42 8.06
C GLU A 57 -7.50 -0.31 8.38
N THR A 58 -6.96 0.90 8.30
CA THR A 58 -5.57 1.14 8.74
C THR A 58 -5.59 2.41 9.58
N CYS A 59 -4.43 2.78 10.11
CA CYS A 59 -4.27 4.05 10.78
C CYS A 59 -3.19 4.86 10.08
N ARG A 60 -3.08 4.76 8.75
CA ARG A 60 -2.05 5.46 8.00
C ARG A 60 -2.60 6.06 6.73
N TYR A 61 -2.15 7.25 6.43
CA TYR A 61 -2.46 7.88 5.17
C TYR A 61 -1.79 7.16 4.03
N GLY A 62 -2.54 6.94 2.95
CA GLY A 62 -1.95 6.33 1.77
C GLY A 62 -2.68 6.75 0.51
N PHE A 63 -1.95 6.78 -0.59
CA PHE A 63 -2.57 7.14 -1.86
C PHE A 63 -3.57 6.11 -2.30
N ILE A 64 -4.66 6.61 -2.90
CA ILE A 64 -5.52 5.87 -3.80
C ILE A 64 -5.50 6.73 -5.08
N GLU A 65 -6.27 6.35 -6.09
CA GLU A 65 -6.41 7.14 -7.30
CA GLU A 65 -6.35 7.17 -7.28
C GLU A 65 -7.13 8.43 -6.90
N GLY A 66 -6.47 9.56 -7.06
CA GLY A 66 -7.08 10.85 -6.83
C GLY A 66 -7.01 11.45 -5.46
N ASN A 67 -6.76 10.64 -4.42
CA ASN A 67 -6.73 11.21 -3.08
C ASN A 67 -5.78 10.45 -2.20
N VAL A 68 -5.58 10.97 -1.00
CA VAL A 68 -4.84 10.32 0.06
C VAL A 68 -5.85 10.07 1.17
N VAL A 69 -5.97 8.78 1.60
CA VAL A 69 -7.04 8.41 2.50
C VAL A 69 -6.58 7.49 3.63
N ILE A 70 -7.46 7.31 4.61
CA ILE A 70 -7.36 6.29 5.64
C ILE A 70 -8.69 5.59 5.71
N PRO A 71 -8.77 4.26 5.41
CA PRO A 71 -10.04 3.53 5.62
C PRO A 71 -10.19 3.25 7.11
N ARG A 72 -11.36 3.63 7.67
CA ARG A 72 -11.62 3.39 9.09
C ARG A 72 -12.93 2.68 9.30
N ILE A 73 -12.89 1.69 10.15
CA ILE A 73 -14.13 1.01 10.54
C ILE A 73 -14.45 1.45 11.96
N HIS A 74 -13.49 1.38 12.88
CA HIS A 74 -13.74 1.70 14.28
C HIS A 74 -13.25 3.07 14.60
N PRO A 75 -14.07 3.89 15.27
CA PRO A 75 -13.60 5.24 15.61
C PRO A 75 -12.42 5.14 16.58
N ASN A 76 -11.35 5.85 16.24
CA ASN A 76 -10.18 5.90 17.11
C ASN A 76 -9.70 7.33 17.05
N ALA A 77 -9.56 7.99 18.22
CA ALA A 77 -9.19 9.39 18.25
C ALA A 77 -7.90 9.75 17.54
N ILE A 78 -6.94 8.82 17.50
CA ILE A 78 -5.66 9.11 16.84
C ILE A 78 -5.58 8.55 15.41
N CYS A 79 -6.69 8.07 14.84
CA CYS A 79 -6.69 7.57 13.47
C CYS A 79 -7.76 8.32 12.74
N ALA A 80 -7.36 9.22 11.85
CA ALA A 80 -8.33 9.99 11.07
C ALA A 80 -9.32 10.76 11.94
N ALA A 81 -8.83 11.34 13.01
CA ALA A 81 -9.64 12.18 13.90
C ALA A 81 -10.99 11.54 14.32
N ASN A 82 -10.97 10.23 14.64
CA ASN A 82 -12.14 9.50 15.12
C ASN A 82 -13.23 9.25 14.06
N HIS A 83 -12.93 9.53 12.78
CA HIS A 83 -13.91 9.30 11.73
C HIS A 83 -13.99 7.83 11.34
N THR A 84 -15.12 7.45 10.71
CA THR A 84 -15.25 6.13 10.13
C THR A 84 -15.47 6.34 8.64
N GLY A 85 -15.37 5.26 7.87
CA GLY A 85 -15.49 5.33 6.42
C GLY A 85 -14.14 5.60 5.81
N VAL A 86 -14.14 5.89 4.51
CA VAL A 86 -12.90 6.22 3.84
C VAL A 86 -12.65 7.68 4.14
N TYR A 87 -11.73 7.96 5.06
CA TYR A 87 -11.42 9.32 5.46
C TYR A 87 -10.49 9.92 4.43
N ILE A 88 -10.84 11.08 3.90
CA ILE A 88 -10.02 11.73 2.89
C ILE A 88 -9.21 12.83 3.49
N LEU A 89 -7.89 12.80 3.28
CA LEU A 89 -7.03 13.89 3.75
C LEU A 89 -7.35 15.12 2.93
N VAL A 90 -7.64 16.26 3.60
CA VAL A 90 -7.99 17.48 2.90
C VAL A 90 -6.81 18.44 2.86
N THR A 91 -6.17 18.70 4.02
CA THR A 91 -5.17 19.73 4.06
C THR A 91 -3.91 19.18 4.59
N SER A 92 -2.85 19.28 3.80
CA SER A 92 -1.53 18.87 4.25
C SER A 92 -0.51 19.71 3.51
N ASN A 93 0.60 19.99 4.18
CA ASN A 93 1.69 20.71 3.48
C ASN A 93 2.50 19.80 2.58
N THR A 94 2.53 18.50 2.88
CA THR A 94 3.52 17.54 2.41
C THR A 94 2.99 16.53 1.43
N SER A 95 3.92 15.88 0.72
CA SER A 95 3.57 15.07 -0.43
C SER A 95 3.82 13.59 -0.30
N HIS A 96 4.44 13.14 0.79
CA HIS A 96 4.82 11.72 0.89
C HIS A 96 4.02 10.94 1.89
N TYR A 97 3.46 9.82 1.43
CA TYR A 97 2.58 9.05 2.31
C TYR A 97 2.92 7.57 2.14
N ASP A 98 2.04 6.69 2.63
CA ASP A 98 2.15 5.29 2.29
C ASP A 98 1.34 5.15 1.00
N THR A 99 1.10 3.92 0.55
CA THR A 99 0.18 3.71 -0.57
C THR A 99 -0.74 2.57 -0.30
N TYR A 100 -1.87 2.61 -0.97
CA TYR A 100 -2.72 1.47 -1.09
C TYR A 100 -2.54 0.95 -2.51
N CYS A 101 -2.76 -0.34 -2.71
CA CYS A 101 -2.67 -1.01 -4.01
C CYS A 101 -3.87 -1.91 -4.14
N PHE A 102 -4.21 -2.24 -5.38
CA PHE A 102 -5.35 -3.08 -5.68
C PHE A 102 -4.92 -4.13 -6.69
N ASN A 103 -5.07 -5.40 -6.32
CA ASN A 103 -4.77 -6.50 -7.21
C ASN A 103 -6.10 -7.18 -7.57
N ALA A 104 -6.53 -7.05 -8.81
CA ALA A 104 -7.78 -7.59 -9.26
C ALA A 104 -7.87 -9.09 -9.18
N SER A 105 -6.75 -9.80 -9.09
CA SER A 105 -6.73 -11.26 -9.04
CA SER A 105 -6.78 -11.25 -9.04
C SER A 105 -6.77 -11.82 -7.62
N ALA A 106 -6.78 -10.94 -6.60
CA ALA A 106 -6.82 -11.40 -5.24
C ALA A 106 -8.21 -11.94 -4.94
N PRO A 107 -8.38 -12.58 -3.79
CA PRO A 107 -9.72 -13.08 -3.42
C PRO A 107 -10.71 -11.94 -3.18
N PRO A 108 -12.01 -12.24 -3.27
CA PRO A 108 -13.00 -11.17 -3.20
C PRO A 108 -13.21 -10.54 -1.84
N GLU A 109 -12.88 -11.25 -0.75
CA GLU A 109 -13.17 -10.71 0.55
C GLU A 109 -11.87 -10.60 1.35
N GLU A 110 -11.83 -11.03 2.60
CA GLU A 110 -10.63 -10.87 3.42
C GLU A 110 -9.63 -11.92 3.05
N ASP A 111 -8.45 -11.52 2.67
CA ASP A 111 -7.36 -12.44 2.40
C ASP A 111 -6.23 -12.05 3.30
N CYS A 112 -6.10 -12.74 4.45
CA CYS A 112 -5.03 -12.43 5.39
C CYS A 112 -3.94 -13.47 5.33
N THR A 113 -3.75 -14.07 4.15
CA THR A 113 -2.54 -14.85 3.92
C THR A 113 -1.43 -13.84 3.69
N SER A 114 -0.19 -14.29 3.79
CA SER A 114 0.94 -13.41 3.56
C SER A 114 1.25 -13.24 2.09
N VAL A 115 1.98 -12.17 1.79
CA VAL A 115 2.43 -11.88 0.43
C VAL A 115 3.80 -12.54 0.31
N THR A 116 4.01 -13.35 -0.71
CA THR A 116 5.21 -14.15 -0.89
C THR A 116 5.87 -13.90 -2.25
N ASP A 117 5.54 -12.78 -2.91
CA ASP A 117 6.16 -12.45 -4.18
C ASP A 117 6.03 -10.96 -4.45
N LEU A 118 6.80 -10.47 -5.41
CA LEU A 118 6.75 -9.09 -5.94
C LEU A 118 6.86 -9.37 -7.43
N PRO A 119 5.74 -9.79 -8.04
CA PRO A 119 5.80 -10.47 -9.34
C PRO A 119 6.21 -9.67 -10.53
N ASN A 120 6.05 -8.36 -10.43
CA ASN A 120 6.32 -7.51 -11.56
C ASN A 120 7.37 -6.46 -11.31
N SER A 121 8.30 -6.73 -10.38
CA SER A 121 9.44 -5.84 -10.23
C SER A 121 10.37 -6.11 -11.41
N PHE A 122 11.21 -5.14 -11.70
CA PHE A 122 12.13 -5.29 -12.82
C PHE A 122 13.55 -5.45 -12.34
N ASP A 123 14.46 -5.70 -13.29
CA ASP A 123 15.87 -5.87 -12.94
C ASP A 123 16.40 -4.60 -12.28
N GLY A 124 17.22 -4.77 -11.27
CA GLY A 124 17.79 -3.64 -10.59
C GLY A 124 18.67 -4.04 -9.45
N PRO A 125 19.23 -3.06 -8.76
CA PRO A 125 20.22 -3.37 -7.73
C PRO A 125 19.75 -3.38 -6.30
N VAL A 126 18.47 -3.10 -6.08
CA VAL A 126 17.96 -2.94 -4.72
C VAL A 126 17.52 -4.27 -4.12
N THR A 127 17.83 -4.52 -2.84
CA THR A 127 17.27 -5.69 -2.17
C THR A 127 15.93 -5.23 -1.59
N ILE A 128 14.84 -5.70 -2.19
CA ILE A 128 13.51 -5.28 -1.79
C ILE A 128 12.94 -6.38 -0.92
N THR A 129 12.55 -6.04 0.30
CA THR A 129 12.01 -7.03 1.22
C THR A 129 10.58 -6.74 1.55
N ILE A 130 9.71 -7.68 1.25
CA ILE A 130 8.30 -7.58 1.60
CA ILE A 130 8.31 -7.61 1.59
C ILE A 130 8.23 -8.12 3.00
N VAL A 131 7.66 -7.32 3.90
CA VAL A 131 7.50 -7.68 5.29
C VAL A 131 6.03 -7.80 5.59
N ASN A 132 5.58 -9.00 5.97
CA ASN A 132 4.21 -9.20 6.34
C ASN A 132 3.96 -8.82 7.77
N ARG A 133 2.70 -8.64 8.15
CA ARG A 133 2.38 -8.28 9.51
CA ARG A 133 2.40 -8.27 9.53
C ARG A 133 2.78 -9.38 10.49
N ASP A 134 2.75 -10.66 10.03
CA ASP A 134 3.21 -11.76 10.87
C ASP A 134 4.72 -11.93 10.85
N GLY A 135 5.45 -11.00 10.25
CA GLY A 135 6.90 -10.96 10.24
C GLY A 135 7.54 -11.78 9.14
N THR A 136 6.75 -12.62 8.44
CA THR A 136 7.37 -13.38 7.35
C THR A 136 7.81 -12.47 6.25
N ARG A 137 8.93 -12.81 5.64
CA ARG A 137 9.53 -11.96 4.64
CA ARG A 137 9.53 -11.96 4.64
C ARG A 137 9.82 -12.65 3.34
N TYR A 138 9.78 -11.86 2.28
CA TYR A 138 10.11 -12.32 0.94
C TYR A 138 11.07 -11.24 0.40
N SER A 139 12.26 -11.61 -0.06
CA SER A 139 13.22 -10.63 -0.57
C SER A 139 13.61 -10.97 -1.98
N LYS A 140 13.86 -9.93 -2.76
CA LYS A 140 14.34 -10.12 -4.12
CA LYS A 140 14.20 -10.06 -4.17
C LYS A 140 15.11 -8.89 -4.56
N LYS A 141 16.11 -9.12 -5.41
CA LYS A 141 16.90 -8.02 -5.94
C LYS A 141 16.17 -7.47 -7.16
N GLY A 142 15.97 -6.17 -7.20
CA GLY A 142 15.32 -5.56 -8.34
C GLY A 142 15.15 -4.09 -8.17
N GLU A 143 14.13 -3.59 -8.83
CA GLU A 143 13.80 -2.18 -8.79
C GLU A 143 12.35 -2.10 -9.23
N TYR A 144 11.65 -1.05 -8.79
CA TYR A 144 10.29 -0.79 -9.26
C TYR A 144 10.10 0.68 -9.64
N ARG A 145 11.04 1.57 -9.26
CA ARG A 145 10.89 2.99 -9.50
C ARG A 145 11.32 3.37 -10.89
N THR A 146 10.41 4.00 -11.62
CA THR A 146 10.68 4.44 -12.99
C THR A 146 11.01 5.92 -13.10
N HIS A 147 10.76 6.71 -12.05
CA HIS A 147 11.04 8.14 -12.04
C HIS A 147 12.32 8.39 -11.23
N GLN A 148 13.35 8.97 -11.86
CA GLN A 148 14.62 9.28 -11.18
C GLN A 148 14.46 10.10 -9.91
N GLU A 149 13.53 11.07 -9.87
CA GLU A 149 13.32 11.89 -8.68
C GLU A 149 12.82 11.10 -7.46
N ASP A 150 12.33 9.87 -7.67
CA ASP A 150 11.94 9.02 -6.55
C ASP A 150 13.11 8.15 -6.05
N ILE A 151 14.27 8.18 -6.70
CA ILE A 151 15.42 7.34 -6.34
C ILE A 151 16.49 8.12 -5.58
N1 9KS B . -1.73 -11.52 -6.05
C4 9KS B . -1.74 -9.73 -4.39
C5 9KS B . -1.07 -8.84 -3.55
C6 9KS B . 0.32 -8.90 -3.48
C7 9KS B . 1.02 -9.80 -4.27
C8 9KS B . 0.36 -10.69 -5.10
C1 9KS B . -3.33 -13.23 -6.84
C2 9KS B . -2.78 -12.43 -5.68
O1 9KS B . -3.24 -12.65 -4.59
C3 9KS B . -1.02 -10.63 -5.16
O2 9KS B . 1.02 -11.60 -5.93
S DMS C . 0.20 -11.71 6.81
O DMS C . 0.75 -11.08 8.07
C1 DMS C . -0.29 -13.33 7.28
C2 DMS C . -1.44 -10.97 6.57
S DMS D . -17.43 10.03 8.98
O DMS D . -16.93 9.66 10.36
C1 DMS D . -18.56 11.38 9.20
C2 DMS D . -18.70 8.85 8.59
S DMS E . 17.08 -12.24 -2.83
O DMS E . 17.14 -10.93 -2.15
C1 DMS E . 16.89 -13.40 -1.51
C2 DMS E . 18.75 -12.55 -3.26
C1 EDO F . -4.91 -4.82 -10.66
O1 EDO F . -4.46 -6.15 -10.86
C2 EDO F . -5.59 -4.27 -11.93
O2 EDO F . -6.19 -3.05 -11.54
C1 EDO G . 0.69 -14.04 -2.82
O1 EDO G . 1.86 -13.27 -2.65
C2 EDO G . 0.55 -15.18 -1.78
O2 EDO G . 1.45 -16.30 -1.96
#